data_2MUD
#
_entry.id   2MUD
#
_entity_poly.entity_id   1
_entity_poly.type   'polypeptide(L)'
_entity_poly.pdbx_seq_one_letter_code
;(ACE)ESAKHMFDRIGKDVYDKVKE(NH2)
;
_entity_poly.pdbx_strand_id   A
#
# COMPACT_ATOMS: atom_id res chain seq x y z
N GLU A 2 4.84 10.66 -7.26
CA GLU A 2 5.49 11.28 -6.08
C GLU A 2 5.13 10.59 -4.72
N SER A 3 5.27 11.34 -3.62
CA SER A 3 4.97 10.88 -2.24
C SER A 3 3.55 10.31 -2.03
N ALA A 4 2.55 11.05 -2.54
CA ALA A 4 1.13 10.60 -2.48
C ALA A 4 0.64 9.55 -3.53
N LYS A 5 1.64 8.95 -4.17
CA LYS A 5 1.58 7.87 -5.17
C LYS A 5 2.80 6.85 -5.04
N HIS A 6 3.41 6.86 -3.85
CA HIS A 6 4.53 6.01 -3.39
C HIS A 6 4.06 5.47 -2.00
N MET A 7 3.58 6.34 -1.07
CA MET A 7 3.05 5.94 0.25
C MET A 7 1.69 5.28 -0.05
N PHE A 8 0.77 5.93 -0.80
CA PHE A 8 -0.53 5.36 -1.22
C PHE A 8 -0.36 4.08 -2.09
N ASP A 9 0.70 4.02 -2.94
CA ASP A 9 1.01 2.83 -3.79
C ASP A 9 1.38 1.63 -2.86
N ARG A 10 2.30 1.88 -1.88
CA ARG A 10 2.72 0.88 -0.87
C ARG A 10 1.53 0.49 0.02
N ILE A 11 0.90 1.46 0.71
CA ILE A 11 -0.31 1.24 1.58
C ILE A 11 -1.42 0.38 0.88
N GLY A 12 -1.67 0.68 -0.41
CA GLY A 12 -2.62 -0.06 -1.26
C GLY A 12 -2.36 -1.57 -1.44
N LYS A 13 -1.09 -2.00 -1.33
CA LYS A 13 -0.63 -3.42 -1.39
C LYS A 13 0.45 -3.73 -0.30
N ASP A 14 0.19 -3.28 0.94
CA ASP A 14 1.03 -3.49 2.15
C ASP A 14 -0.01 -3.86 3.19
N VAL A 15 -0.91 -2.94 3.56
CA VAL A 15 -2.01 -3.29 4.51
C VAL A 15 -3.37 -3.50 3.74
N TYR A 16 -3.12 -4.34 2.75
CA TYR A 16 -4.01 -4.92 1.75
C TYR A 16 -3.33 -6.30 1.50
N ASP A 17 -1.99 -6.38 1.25
CA ASP A 17 -1.27 -7.67 1.08
C ASP A 17 -1.21 -8.38 2.47
N LYS A 18 -0.86 -7.68 3.58
CA LYS A 18 -0.86 -8.25 4.94
C LYS A 18 -2.33 -8.50 5.45
N VAL A 19 -3.35 -7.86 4.83
CA VAL A 19 -4.80 -8.01 5.13
C VAL A 19 -5.37 -9.27 4.44
N LYS A 20 -5.20 -9.41 3.11
CA LYS A 20 -5.64 -10.59 2.33
C LYS A 20 -4.91 -11.94 2.75
N GLU A 21 -3.79 -11.85 3.52
CA GLU A 21 -3.03 -13.01 4.04
C GLU A 21 -3.60 -13.51 5.38
N GLU A 2 4.62 10.75 -7.37
CA GLU A 2 5.32 11.42 -6.24
C GLU A 2 5.10 10.71 -4.85
N SER A 3 5.27 11.46 -3.75
CA SER A 3 5.10 10.96 -2.36
C SER A 3 3.73 10.32 -2.11
N ALA A 4 2.66 11.03 -2.45
CA ALA A 4 1.26 10.52 -2.31
C ALA A 4 0.75 9.51 -3.40
N LYS A 5 1.74 8.96 -4.10
CA LYS A 5 1.68 7.93 -5.16
C LYS A 5 2.85 6.86 -5.01
N HIS A 6 3.50 6.88 -3.84
CA HIS A 6 4.59 6.00 -3.36
C HIS A 6 4.09 5.48 -1.97
N MET A 7 3.56 6.35 -1.07
CA MET A 7 2.98 5.98 0.24
C MET A 7 1.63 5.28 -0.09
N PHE A 8 0.74 5.89 -0.89
CA PHE A 8 -0.54 5.30 -1.33
C PHE A 8 -0.34 4.01 -2.18
N ASP A 9 0.73 3.95 -3.01
CA ASP A 9 1.07 2.74 -3.81
C ASP A 9 1.44 1.57 -2.84
N ARG A 10 2.32 1.86 -1.85
CA ARG A 10 2.74 0.89 -0.80
C ARG A 10 1.52 0.50 0.07
N ILE A 11 0.85 1.48 0.71
CA ILE A 11 -0.38 1.26 1.54
C ILE A 11 -1.45 0.37 0.83
N GLY A 12 -1.66 0.63 -0.47
CA GLY A 12 -2.58 -0.13 -1.33
C GLY A 12 -2.28 -1.65 -1.50
N LYS A 13 -1.03 -2.06 -1.27
CA LYS A 13 -0.56 -3.46 -1.30
C LYS A 13 0.51 -3.75 -0.17
N ASP A 14 0.20 -3.27 1.05
CA ASP A 14 0.99 -3.45 2.28
C ASP A 14 -0.08 -3.79 3.32
N VAL A 15 -1.00 -2.84 3.63
CA VAL A 15 -2.12 -3.16 4.55
C VAL A 15 -3.46 -3.39 3.77
N TYR A 16 -3.19 -4.20 2.76
CA TYR A 16 -4.06 -4.80 1.75
C TYR A 16 -3.41 -6.21 1.57
N ASP A 17 -2.07 -6.33 1.36
CA ASP A 17 -1.42 -7.65 1.26
C ASP A 17 -1.34 -8.31 2.67
N LYS A 18 -1.08 -7.56 3.77
CA LYS A 18 -1.07 -8.13 5.13
C LYS A 18 -2.52 -8.55 5.57
N VAL A 19 -3.60 -7.93 5.02
CA VAL A 19 -5.01 -8.27 5.32
C VAL A 19 -5.48 -9.53 4.53
N LYS A 20 -5.30 -9.49 3.20
CA LYS A 20 -5.64 -10.62 2.30
C LYS A 20 -4.81 -11.94 2.58
N GLU A 21 -3.71 -11.84 3.37
CA GLU A 21 -2.84 -12.96 3.78
C GLU A 21 -3.35 -13.60 5.09
N GLU A 2 4.37 10.98 -7.36
CA GLU A 2 5.28 11.44 -6.28
C GLU A 2 5.02 10.69 -4.92
N SER A 3 5.25 11.39 -3.79
CA SER A 3 5.02 10.90 -2.40
C SER A 3 3.60 10.30 -2.16
N ALA A 4 2.57 11.00 -2.67
CA ALA A 4 1.16 10.53 -2.59
C ALA A 4 0.69 9.42 -3.59
N LYS A 5 1.69 8.84 -4.23
CA LYS A 5 1.67 7.71 -5.18
C LYS A 5 2.92 6.74 -4.98
N HIS A 6 3.52 6.82 -3.79
CA HIS A 6 4.65 6.02 -3.27
C HIS A 6 4.16 5.48 -1.89
N MET A 7 3.63 6.36 -0.99
CA MET A 7 3.08 5.96 0.32
C MET A 7 1.73 5.28 0.00
N PHE A 8 0.83 5.90 -0.79
CA PHE A 8 -0.46 5.30 -1.22
C PHE A 8 -0.23 4.02 -2.07
N ASP A 9 0.84 3.95 -2.88
CA ASP A 9 1.19 2.73 -3.69
C ASP A 9 1.54 1.56 -2.71
N ARG A 10 2.44 1.84 -1.73
CA ARG A 10 2.85 0.88 -0.68
C ARG A 10 1.63 0.48 0.18
N ILE A 11 0.96 1.46 0.82
CA ILE A 11 -0.27 1.24 1.65
C ILE A 11 -1.34 0.35 0.93
N GLY A 12 -1.55 0.62 -0.37
CA GLY A 12 -2.46 -0.15 -1.24
C GLY A 12 -2.15 -1.66 -1.44
N LYS A 13 -0.89 -2.06 -1.18
CA LYS A 13 -0.40 -3.45 -1.23
C LYS A 13 0.63 -3.78 -0.09
N ASP A 14 0.33 -3.29 1.14
CA ASP A 14 1.09 -3.51 2.38
C ASP A 14 0.01 -3.89 3.38
N VAL A 15 -0.92 -2.96 3.70
CA VAL A 15 -2.06 -3.30 4.59
C VAL A 15 -3.38 -3.50 3.75
N TYR A 16 -3.09 -4.32 2.76
CA TYR A 16 -3.94 -4.89 1.71
C TYR A 16 -3.26 -6.28 1.49
N ASP A 17 -1.90 -6.38 1.32
CA ASP A 17 -1.20 -7.67 1.19
C ASP A 17 -1.22 -8.39 2.57
N LYS A 18 -0.92 -7.70 3.69
CA LYS A 18 -1.01 -8.30 5.05
C LYS A 18 -2.52 -8.54 5.47
N VAL A 19 -3.49 -7.86 4.80
CA VAL A 19 -4.95 -7.99 5.01
C VAL A 19 -5.50 -9.25 4.27
N LYS A 20 -5.25 -9.37 2.95
CA LYS A 20 -5.66 -10.55 2.14
C LYS A 20 -4.97 -11.90 2.59
N GLU A 21 -3.91 -11.84 3.42
CA GLU A 21 -3.18 -13.00 3.95
C GLU A 21 -3.82 -13.51 5.26
N GLU A 2 4.70 10.73 -7.22
CA GLU A 2 5.39 11.37 -6.07
C GLU A 2 5.06 10.67 -4.71
N SER A 3 5.18 11.42 -3.58
CA SER A 3 4.90 10.92 -2.21
C SER A 3 3.50 10.32 -2.02
N ALA A 4 2.48 11.04 -2.50
CA ALA A 4 1.07 10.57 -2.45
C ALA A 4 0.60 9.50 -3.49
N LYS A 5 1.60 8.94 -4.16
CA LYS A 5 1.56 7.86 -5.17
C LYS A 5 2.78 6.87 -5.03
N HIS A 6 3.42 6.89 -3.84
CA HIS A 6 4.54 6.05 -3.39
C HIS A 6 4.10 5.49 -2.00
N MET A 7 3.59 6.34 -1.07
CA MET A 7 3.07 5.92 0.25
C MET A 7 1.71 5.24 -0.06
N PHE A 8 0.79 5.89 -0.81
CA PHE A 8 -0.51 5.30 -1.23
C PHE A 8 -0.31 4.03 -2.10
N ASP A 9 0.74 3.99 -2.96
CA ASP A 9 1.07 2.80 -3.80
C ASP A 9 1.45 1.60 -2.88
N ARG A 10 2.36 1.85 -1.90
CA ARG A 10 2.79 0.86 -0.89
C ARG A 10 1.60 0.45 0.01
N ILE A 11 0.95 1.42 0.69
CA ILE A 11 -0.25 1.19 1.55
C ILE A 11 -1.35 0.31 0.84
N GLY A 12 -1.60 0.62 -0.44
CA GLY A 12 -2.55 -0.13 -1.30
C GLY A 12 -2.26 -1.64 -1.51
N LYS A 13 -0.99 -2.06 -1.31
CA LYS A 13 -0.53 -3.46 -1.39
C LYS A 13 0.56 -3.80 -0.30
N ASP A 14 0.30 -3.33 0.93
CA ASP A 14 1.12 -3.55 2.15
C ASP A 14 0.08 -3.91 3.19
N VAL A 15 -0.82 -2.98 3.55
CA VAL A 15 -1.92 -3.31 4.50
C VAL A 15 -3.28 -3.48 3.73
N TYR A 16 -3.05 -4.32 2.73
CA TYR A 16 -3.96 -4.87 1.73
C TYR A 16 -3.31 -6.27 1.47
N ASP A 17 -1.97 -6.38 1.23
CA ASP A 17 -1.29 -7.69 1.06
C ASP A 17 -1.25 -8.40 2.45
N LYS A 18 -0.87 -7.70 3.55
CA LYS A 18 -0.89 -8.29 4.92
C LYS A 18 -2.38 -8.51 5.42
N VAL A 19 -3.38 -7.82 4.80
CA VAL A 19 -4.83 -7.94 5.09
C VAL A 19 -5.41 -9.20 4.41
N LYS A 20 -5.21 -9.36 3.09
CA LYS A 20 -5.67 -10.57 2.34
C LYS A 20 -5.01 -11.91 2.84
N GLU A 21 -3.87 -11.84 3.56
CA GLU A 21 -3.15 -12.98 4.14
C GLU A 21 -3.76 -13.43 5.49
N GLU A 2 4.71 10.76 -7.20
CA GLU A 2 5.39 11.38 -6.03
C GLU A 2 5.05 10.69 -4.68
N SER A 3 5.16 11.43 -3.56
CA SER A 3 4.87 10.93 -2.18
C SER A 3 3.48 10.32 -2.00
N ALA A 4 2.45 11.03 -2.50
CA ALA A 4 1.05 10.55 -2.46
C ALA A 4 0.59 9.48 -3.51
N LYS A 5 1.61 8.94 -4.17
CA LYS A 5 1.58 7.86 -5.18
C LYS A 5 2.81 6.88 -5.03
N HIS A 6 3.43 6.89 -3.84
CA HIS A 6 4.55 6.05 -3.37
C HIS A 6 4.09 5.50 -1.99
N MET A 7 3.59 6.35 -1.06
CA MET A 7 3.05 5.91 0.25
C MET A 7 1.70 5.23 -0.07
N PHE A 8 0.78 5.87 -0.83
CA PHE A 8 -0.51 5.27 -1.26
C PHE A 8 -0.30 4.00 -2.15
N ASP A 9 0.79 3.96 -2.97
CA ASP A 9 1.13 2.78 -3.82
C ASP A 9 1.49 1.57 -2.90
N ARG A 10 2.39 1.81 -1.91
CA ARG A 10 2.80 0.79 -0.91
C ARG A 10 1.58 0.42 -0.02
N ILE A 11 0.95 1.38 0.67
CA ILE A 11 -0.27 1.18 1.52
C ILE A 11 -1.37 0.31 0.82
N GLY A 12 -1.61 0.60 -0.47
CA GLY A 12 -2.56 -0.14 -1.33
C GLY A 12 -2.29 -1.66 -1.52
N LYS A 13 -1.03 -2.08 -1.35
CA LYS A 13 -0.57 -3.49 -1.42
C LYS A 13 0.54 -3.80 -0.34
N ASP A 14 0.26 -3.35 0.91
CA ASP A 14 1.11 -3.55 2.11
C ASP A 14 0.08 -3.90 3.17
N VAL A 15 -0.83 -2.96 3.54
CA VAL A 15 -1.91 -3.27 4.50
C VAL A 15 -3.28 -3.45 3.74
N TYR A 16 -3.06 -4.29 2.75
CA TYR A 16 -3.97 -4.86 1.76
C TYR A 16 -3.33 -6.27 1.50
N ASP A 17 -2.00 -6.38 1.25
CA ASP A 17 -1.32 -7.69 1.10
C ASP A 17 -1.27 -8.39 2.49
N LYS A 18 -0.90 -7.68 3.59
CA LYS A 18 -0.90 -8.25 4.96
C LYS A 18 -2.39 -8.48 5.46
N VAL A 19 -3.39 -7.79 4.85
CA VAL A 19 -4.84 -7.90 5.15
C VAL A 19 -5.42 -9.18 4.48
N LYS A 20 -5.24 -9.33 3.15
CA LYS A 20 -5.70 -10.53 2.40
C LYS A 20 -4.97 -11.86 2.80
N GLU A 21 -3.88 -11.80 3.61
CA GLU A 21 -3.12 -12.95 4.11
C GLU A 21 -3.70 -13.47 5.45
N GLU A 2 4.71 10.67 -7.32
CA GLU A 2 5.42 11.30 -6.16
C GLU A 2 5.07 10.62 -4.80
N SER A 3 5.21 11.38 -3.69
CA SER A 3 4.92 10.91 -2.30
C SER A 3 3.52 10.32 -2.10
N ALA A 4 2.50 11.03 -2.61
CA ALA A 4 1.09 10.57 -2.55
C ALA A 4 0.60 9.49 -3.58
N LYS A 5 1.60 8.90 -4.21
CA LYS A 5 1.55 7.79 -5.18
C LYS A 5 2.79 6.81 -5.05
N HIS A 6 3.42 6.85 -3.87
CA HIS A 6 4.55 6.03 -3.39
C HIS A 6 4.11 5.50 -1.99
N MET A 7 3.59 6.37 -1.08
CA MET A 7 3.07 5.97 0.25
C MET A 7 1.72 5.29 -0.04
N PHE A 8 0.80 5.93 -0.80
CA PHE A 8 -0.51 5.34 -1.20
C PHE A 8 -0.31 4.06 -2.07
N ASP A 9 0.74 4.00 -2.91
CA ASP A 9 1.06 2.79 -3.74
C ASP A 9 1.43 1.61 -2.79
N ARG A 10 2.35 1.87 -1.82
CA ARG A 10 2.79 0.89 -0.79
C ARG A 10 1.60 0.50 0.10
N ILE A 11 0.95 1.47 0.77
CA ILE A 11 -0.27 1.26 1.62
C ILE A 11 -1.36 0.38 0.93
N GLY A 12 -1.60 0.67 -0.36
CA GLY A 12 -2.55 -0.09 -1.21
C GLY A 12 -2.25 -1.60 -1.43
N LYS A 13 -0.99 -2.00 -1.21
CA LYS A 13 -0.50 -3.41 -1.29
C LYS A 13 0.55 -3.76 -0.18
N ASP A 14 0.29 -3.27 1.06
CA ASP A 14 1.09 -3.49 2.28
C ASP A 14 0.03 -3.88 3.29
N VAL A 15 -0.89 -2.96 3.65
CA VAL A 15 -2.00 -3.31 4.57
C VAL A 15 -3.35 -3.50 3.76
N TYR A 16 -3.09 -4.32 2.77
CA TYR A 16 -3.96 -4.89 1.74
C TYR A 16 -3.28 -6.28 1.50
N ASP A 17 -1.94 -6.37 1.27
CA ASP A 17 -1.24 -7.66 1.11
C ASP A 17 -1.22 -8.39 2.50
N LYS A 18 -0.88 -7.69 3.62
CA LYS A 18 -0.91 -8.27 4.98
C LYS A 18 -2.40 -8.52 5.45
N VAL A 19 -3.41 -7.86 4.81
CA VAL A 19 -4.86 -7.99 5.07
C VAL A 19 -5.43 -9.24 4.35
N LYS A 20 -5.22 -9.37 3.03
CA LYS A 20 -5.66 -10.54 2.24
C LYS A 20 -4.96 -11.89 2.65
N GLU A 21 -3.86 -11.84 3.45
CA GLU A 21 -3.11 -13.00 3.96
C GLU A 21 -3.71 -13.53 5.28
N GLU A 2 4.75 10.71 -7.25
CA GLU A 2 5.44 11.34 -6.08
C GLU A 2 5.10 10.65 -4.72
N SER A 3 5.23 11.40 -3.61
CA SER A 3 4.95 10.90 -2.22
C SER A 3 3.54 10.32 -2.03
N ALA A 4 2.52 11.05 -2.53
CA ALA A 4 1.10 10.58 -2.48
C ALA A 4 0.63 9.51 -3.52
N LYS A 5 1.63 8.95 -4.18
CA LYS A 5 1.58 7.86 -5.18
C LYS A 5 2.80 6.87 -5.04
N HIS A 6 3.42 6.88 -3.85
CA HIS A 6 4.55 6.03 -3.40
C HIS A 6 4.11 5.49 -2.01
N MET A 7 3.60 6.34 -1.08
CA MET A 7 3.08 5.94 0.24
C MET A 7 1.72 5.27 -0.06
N PHE A 8 0.80 5.92 -0.82
CA PHE A 8 -0.50 5.33 -1.22
C PHE A 8 -0.32 4.06 -2.10
N ASP A 9 0.74 4.00 -2.95
CA ASP A 9 1.05 2.81 -3.80
C ASP A 9 1.42 1.61 -2.86
N ARG A 10 2.33 1.86 -1.89
CA ARG A 10 2.76 0.87 -0.88
C ARG A 10 1.57 0.48 0.02
N ILE A 11 0.93 1.45 0.71
CA ILE A 11 -0.28 1.24 1.57
C ILE A 11 -1.38 0.36 0.88
N GLY A 12 -1.63 0.67 -0.42
CA GLY A 12 -2.57 -0.08 -1.27
C GLY A 12 -2.31 -1.60 -1.46
N LYS A 13 -1.04 -2.02 -1.32
CA LYS A 13 -0.58 -3.43 -1.39
C LYS A 13 0.49 -3.75 -0.29
N ASP A 14 0.23 -3.29 0.95
CA ASP A 14 1.06 -3.51 2.16
C ASP A 14 0.03 -3.89 3.20
N VAL A 15 -0.89 -2.97 3.57
CA VAL A 15 -1.99 -3.32 4.51
C VAL A 15 -3.34 -3.51 3.74
N TYR A 16 -3.10 -4.34 2.74
CA TYR A 16 -3.99 -4.91 1.73
C TYR A 16 -3.33 -6.30 1.48
N ASP A 17 -1.98 -6.39 1.24
CA ASP A 17 -1.29 -7.69 1.06
C ASP A 17 -1.23 -8.40 2.46
N LYS A 18 -0.88 -7.69 3.55
CA LYS A 18 -0.88 -8.27 4.92
C LYS A 18 -2.37 -8.51 5.44
N VAL A 19 -3.37 -7.86 4.80
CA VAL A 19 -4.83 -7.99 5.09
C VAL A 19 -5.40 -9.26 4.41
N LYS A 20 -5.21 -9.41 3.08
CA LYS A 20 -5.65 -10.61 2.33
C LYS A 20 -4.95 -11.95 2.79
N GLU A 21 -3.83 -11.87 3.55
CA GLU A 21 -3.09 -13.01 4.10
C GLU A 21 -3.66 -13.47 5.46
N GLU A 2 4.74 10.72 -7.35
CA GLU A 2 5.35 11.44 -6.22
C GLU A 2 5.11 10.73 -4.83
N SER A 3 5.23 11.50 -3.74
CA SER A 3 5.06 11.02 -2.34
C SER A 3 3.69 10.36 -2.10
N ALA A 4 2.61 11.07 -2.46
CA ALA A 4 1.22 10.52 -2.34
C ALA A 4 0.74 9.50 -3.44
N LYS A 5 1.74 8.98 -4.12
CA LYS A 5 1.71 7.93 -5.17
C LYS A 5 2.90 6.88 -5.00
N HIS A 6 3.53 6.91 -3.81
CA HIS A 6 4.60 6.04 -3.31
C HIS A 6 4.05 5.52 -1.93
N MET A 7 3.53 6.40 -1.04
CA MET A 7 2.92 6.02 0.25
C MET A 7 1.59 5.31 -0.10
N PHE A 8 0.70 5.90 -0.91
CA PHE A 8 -0.58 5.30 -1.36
C PHE A 8 -0.34 4.01 -2.21
N ASP A 9 0.75 3.95 -3.01
CA ASP A 9 1.12 2.75 -3.81
C ASP A 9 1.48 1.57 -2.85
N ARG A 10 2.36 1.83 -1.85
CA ARG A 10 2.72 0.81 -0.84
C ARG A 10 1.51 0.47 0.06
N ILE A 11 0.84 1.46 0.68
CA ILE A 11 -0.40 1.26 1.52
C ILE A 11 -1.48 0.36 0.81
N GLY A 12 -1.70 0.63 -0.49
CA GLY A 12 -2.62 -0.14 -1.35
C GLY A 12 -2.34 -1.66 -1.51
N LYS A 13 -1.07 -2.07 -1.28
CA LYS A 13 -0.60 -3.47 -1.31
C LYS A 13 0.47 -3.77 -0.20
N ASP A 14 0.19 -3.29 1.02
CA ASP A 14 1.00 -3.47 2.25
C ASP A 14 -0.06 -3.81 3.29
N VAL A 15 -0.98 -2.87 3.62
CA VAL A 15 -2.09 -3.18 4.56
C VAL A 15 -3.44 -3.41 3.79
N TYR A 16 -3.18 -4.21 2.78
CA TYR A 16 -4.06 -4.80 1.76
C TYR A 16 -3.43 -6.21 1.57
N ASP A 17 -2.09 -6.34 1.35
CA ASP A 17 -1.45 -7.66 1.24
C ASP A 17 -1.35 -8.32 2.65
N LYS A 18 -1.05 -7.58 3.74
CA LYS A 18 -1.02 -8.16 5.10
C LYS A 18 -2.47 -8.56 5.58
N VAL A 19 -3.56 -7.94 5.03
CA VAL A 19 -4.96 -8.27 5.36
C VAL A 19 -5.45 -9.51 4.58
N LYS A 20 -5.28 -9.48 3.25
CA LYS A 20 -5.64 -10.60 2.34
C LYS A 20 -4.83 -11.93 2.62
N GLU A 21 -3.71 -11.84 3.39
CA GLU A 21 -2.86 -12.98 3.79
C GLU A 21 -3.37 -13.60 5.11
N GLU A 2 4.75 10.45 -7.49
CA GLU A 2 5.31 11.27 -6.38
C GLU A 2 5.11 10.62 -4.97
N SER A 3 5.23 11.44 -3.91
CA SER A 3 5.09 11.01 -2.49
C SER A 3 3.73 10.36 -2.20
N ALA A 4 2.63 11.07 -2.54
CA ALA A 4 1.24 10.54 -2.38
C ALA A 4 0.73 9.53 -3.46
N LYS A 5 1.73 8.95 -4.12
CA LYS A 5 1.67 7.89 -5.17
C LYS A 5 2.85 6.83 -5.01
N HIS A 6 3.49 6.87 -3.83
CA HIS A 6 4.58 6.01 -3.34
C HIS A 6 4.07 5.51 -1.93
N MET A 7 3.54 6.41 -1.05
CA MET A 7 2.96 6.06 0.26
C MET A 7 1.61 5.37 -0.07
N PHE A 8 0.72 5.97 -0.87
CA PHE A 8 -0.57 5.38 -1.30
C PHE A 8 -0.37 4.08 -2.13
N ASP A 9 0.71 3.99 -2.96
CA ASP A 9 1.05 2.77 -3.74
C ASP A 9 1.39 1.61 -2.75
N ARG A 10 2.30 1.91 -1.77
CA ARG A 10 2.70 0.96 -0.71
C ARG A 10 1.48 0.58 0.17
N ILE A 11 0.81 1.56 0.80
CA ILE A 11 -0.42 1.37 1.63
C ILE A 11 -1.49 0.47 0.92
N GLY A 12 -1.71 0.72 -0.38
CA GLY A 12 -2.62 -0.06 -1.23
C GLY A 12 -2.31 -1.58 -1.41
N LYS A 13 -1.06 -1.97 -1.15
CA LYS A 13 -0.57 -3.37 -1.18
C LYS A 13 0.45 -3.70 -0.03
N ASP A 14 0.17 -3.17 1.18
CA ASP A 14 0.94 -3.38 2.42
C ASP A 14 -0.16 -3.76 3.40
N VAL A 15 -1.08 -2.84 3.75
CA VAL A 15 -2.22 -3.20 4.65
C VAL A 15 -3.54 -3.44 3.82
N TYR A 16 -3.24 -4.22 2.81
CA TYR A 16 -4.09 -4.80 1.77
C TYR A 16 -3.44 -6.19 1.55
N ASP A 17 -2.09 -6.30 1.35
CA ASP A 17 -1.43 -7.61 1.22
C ASP A 17 -1.33 -8.29 2.61
N LYS A 18 -1.05 -7.57 3.72
CA LYS A 18 -1.02 -8.18 5.07
C LYS A 18 -2.46 -8.61 5.53
N VAL A 19 -3.56 -8.00 4.99
CA VAL A 19 -4.96 -8.36 5.30
C VAL A 19 -5.43 -9.59 4.49
N LYS A 20 -5.26 -9.51 3.15
CA LYS A 20 -5.60 -10.62 2.22
C LYS A 20 -4.77 -11.94 2.47
N GLU A 21 -3.66 -11.86 3.23
CA GLU A 21 -2.78 -13.00 3.60
C GLU A 21 -3.27 -13.66 4.90
N GLU A 2 4.69 10.83 -7.35
CA GLU A 2 5.48 11.34 -6.19
C GLU A 2 5.13 10.63 -4.84
N SER A 3 5.31 11.34 -3.71
CA SER A 3 5.00 10.87 -2.33
C SER A 3 3.58 10.30 -2.15
N ALA A 4 2.58 11.00 -2.70
CA ALA A 4 1.16 10.55 -2.66
C ALA A 4 0.71 9.44 -3.69
N LYS A 5 1.73 8.83 -4.26
CA LYS A 5 1.72 7.70 -5.22
C LYS A 5 2.97 6.74 -5.02
N HIS A 6 3.53 6.80 -3.81
CA HIS A 6 4.65 6.01 -3.27
C HIS A 6 4.16 5.50 -1.89
N MET A 7 3.60 6.37 -1.00
CA MET A 7 3.02 6.00 0.30
C MET A 7 1.68 5.31 -0.03
N PHE A 8 0.79 5.94 -0.84
CA PHE A 8 -0.49 5.34 -1.29
C PHE A 8 -0.26 4.04 -2.13
N ASP A 9 0.83 3.98 -2.93
CA ASP A 9 1.19 2.76 -3.73
C ASP A 9 1.52 1.59 -2.75
N ARG A 10 2.39 1.87 -1.75
CA ARG A 10 2.78 0.90 -0.69
C ARG A 10 1.55 0.52 0.16
N ILE A 11 0.88 1.50 0.80
CA ILE A 11 -0.36 1.31 1.60
C ILE A 11 -1.44 0.42 0.87
N GLY A 12 -1.63 0.68 -0.43
CA GLY A 12 -2.54 -0.08 -1.31
C GLY A 12 -2.25 -1.59 -1.46
N LYS A 13 -0.98 -2.01 -1.22
CA LYS A 13 -0.54 -3.42 -1.24
C LYS A 13 0.52 -3.71 -0.10
N ASP A 14 0.18 -3.24 1.12
CA ASP A 14 0.95 -3.43 2.37
C ASP A 14 -0.12 -3.77 3.37
N VAL A 15 -1.05 -2.84 3.69
CA VAL A 15 -2.19 -3.16 4.59
C VAL A 15 -3.52 -3.40 3.78
N TYR A 16 -3.22 -4.21 2.78
CA TYR A 16 -4.08 -4.79 1.74
C TYR A 16 -3.43 -6.19 1.55
N ASP A 17 -2.08 -6.31 1.37
CA ASP A 17 -1.42 -7.63 1.26
C ASP A 17 -1.35 -8.30 2.66
N LYS A 18 -1.10 -7.55 3.77
CA LYS A 18 -1.08 -8.14 5.13
C LYS A 18 -2.54 -8.58 5.55
N VAL A 19 -3.61 -7.95 5.01
CA VAL A 19 -5.02 -8.31 5.30
C VAL A 19 -5.48 -9.55 4.49
N LYS A 20 -5.29 -9.49 3.16
CA LYS A 20 -5.60 -10.61 2.22
C LYS A 20 -4.79 -11.93 2.51
N GLU A 21 -3.68 -11.84 3.31
CA GLU A 21 -2.84 -12.97 3.71
C GLU A 21 -3.37 -13.65 5.00
N GLU A 2 4.56 10.88 -7.30
CA GLU A 2 5.34 11.41 -6.15
C GLU A 2 5.03 10.68 -4.79
N SER A 3 5.21 11.40 -3.66
CA SER A 3 4.94 10.91 -2.29
C SER A 3 3.53 10.30 -2.08
N ALA A 4 2.51 11.01 -2.58
CA ALA A 4 1.09 10.54 -2.52
C ALA A 4 0.63 9.44 -3.54
N LYS A 5 1.65 8.88 -4.19
CA LYS A 5 1.62 7.77 -5.17
C LYS A 5 2.89 6.80 -5.00
N HIS A 6 3.47 6.85 -3.80
CA HIS A 6 4.61 6.05 -3.29
C HIS A 6 4.13 5.50 -1.91
N MET A 7 3.60 6.35 -1.01
CA MET A 7 3.04 5.95 0.31
C MET A 7 1.70 5.25 -0.02
N PHE A 8 0.79 5.88 -0.80
CA PHE A 8 -0.49 5.27 -1.24
C PHE A 8 -0.26 4.00 -2.11
N ASP A 9 0.82 3.96 -2.93
CA ASP A 9 1.17 2.76 -3.75
C ASP A 9 1.53 1.57 -2.80
N ARG A 10 2.42 1.84 -1.81
CA ARG A 10 2.84 0.85 -0.79
C ARG A 10 1.61 0.45 0.08
N ILE A 11 0.96 1.41 0.75
CA ILE A 11 -0.28 1.19 1.57
C ILE A 11 -1.35 0.32 0.85
N GLY A 12 -1.57 0.60 -0.46
CA GLY A 12 -2.49 -0.15 -1.33
C GLY A 12 -2.19 -1.67 -1.51
N LYS A 13 -0.93 -2.08 -1.30
CA LYS A 13 -0.47 -3.49 -1.35
C LYS A 13 0.61 -3.78 -0.24
N ASP A 14 0.29 -3.35 1.00
CA ASP A 14 1.10 -3.53 2.23
C ASP A 14 0.03 -3.88 3.26
N VAL A 15 -0.89 -2.95 3.59
CA VAL A 15 -2.00 -3.26 4.52
C VAL A 15 -3.35 -3.46 3.72
N TYR A 16 -3.09 -4.30 2.74
CA TYR A 16 -3.96 -4.90 1.72
C TYR A 16 -3.28 -6.28 1.50
N ASP A 17 -1.93 -6.37 1.29
CA ASP A 17 -1.23 -7.67 1.15
C ASP A 17 -1.22 -8.38 2.55
N LYS A 18 -0.90 -7.68 3.66
CA LYS A 18 -0.94 -8.26 5.02
C LYS A 18 -2.45 -8.50 5.48
N VAL A 19 -3.43 -7.82 4.82
CA VAL A 19 -4.89 -7.95 5.07
C VAL A 19 -5.46 -9.21 4.37
N LYS A 20 -5.24 -9.36 3.05
CA LYS A 20 -5.67 -10.54 2.27
C LYS A 20 -4.99 -11.89 2.71
N GLU A 21 -3.89 -11.82 3.52
CA GLU A 21 -3.17 -12.98 4.06
C GLU A 21 -3.79 -13.49 5.38
N GLU A 2 4.65 10.76 -7.31
CA GLU A 2 5.21 11.48 -6.13
C GLU A 2 5.02 10.72 -4.78
N SER A 3 5.15 11.50 -3.69
CA SER A 3 5.02 11.00 -2.29
C SER A 3 3.67 10.33 -2.03
N ALA A 4 2.57 11.05 -2.32
CA ALA A 4 1.19 10.51 -2.18
C ALA A 4 0.67 9.53 -3.30
N LYS A 5 1.66 9.00 -4.00
CA LYS A 5 1.60 7.99 -5.09
C LYS A 5 2.76 6.92 -4.98
N HIS A 6 3.43 6.91 -3.82
CA HIS A 6 4.51 6.01 -3.37
C HIS A 6 4.01 5.48 -1.98
N MET A 7 3.51 6.35 -1.05
CA MET A 7 2.94 5.94 0.25
C MET A 7 1.61 5.23 -0.07
N PHE A 8 0.69 5.85 -0.86
CA PHE A 8 -0.58 5.25 -1.29
C PHE A 8 -0.38 3.97 -2.16
N ASP A 9 0.68 3.94 -3.00
CA ASP A 9 1.03 2.74 -3.83
C ASP A 9 1.43 1.55 -2.89
N ARG A 10 2.32 1.83 -1.90
CA ARG A 10 2.76 0.84 -0.89
C ARG A 10 1.55 0.43 -0.01
N ILE A 11 0.89 1.39 0.67
CA ILE A 11 -0.34 1.15 1.50
C ILE A 11 -1.41 0.27 0.79
N GLY A 12 -1.64 0.55 -0.51
CA GLY A 12 -2.56 -0.20 -1.38
C GLY A 12 -2.27 -1.73 -1.55
N LYS A 13 -0.99 -2.12 -1.35
CA LYS A 13 -0.52 -3.53 -1.40
C LYS A 13 0.57 -3.81 -0.30
N ASP A 14 0.27 -3.37 0.94
CA ASP A 14 1.08 -3.54 2.16
C ASP A 14 0.03 -3.88 3.20
N VAL A 15 -0.89 -2.94 3.51
CA VAL A 15 -2.01 -3.25 4.44
C VAL A 15 -3.35 -3.45 3.65
N TYR A 16 -3.10 -4.33 2.70
CA TYR A 16 -3.99 -4.94 1.70
C TYR A 16 -3.31 -6.32 1.48
N ASP A 17 -1.96 -6.41 1.24
CA ASP A 17 -1.26 -7.70 1.09
C ASP A 17 -1.19 -8.40 2.47
N LYS A 18 -0.82 -7.70 3.57
CA LYS A 18 -0.81 -8.30 4.93
C LYS A 18 -2.29 -8.47 5.49
N VAL A 19 -3.30 -7.84 4.83
CA VAL A 19 -4.75 -7.92 5.17
C VAL A 19 -5.38 -9.17 4.50
N LYS A 20 -5.22 -9.33 3.18
CA LYS A 20 -5.74 -10.52 2.43
C LYS A 20 -5.05 -11.88 2.85
N GLU A 21 -3.92 -11.84 3.59
CA GLU A 21 -3.19 -13.01 4.09
C GLU A 21 -3.72 -13.46 5.47
N GLU A 2 4.62 10.81 -7.26
CA GLU A 2 5.37 11.40 -6.10
C GLU A 2 5.05 10.69 -4.74
N SER A 3 5.20 11.43 -3.62
CA SER A 3 4.93 10.92 -2.24
C SER A 3 3.52 10.32 -2.05
N ALA A 4 2.50 11.04 -2.54
CA ALA A 4 1.09 10.56 -2.49
C ALA A 4 0.62 9.48 -3.53
N LYS A 5 1.62 8.93 -4.19
CA LYS A 5 1.59 7.85 -5.19
C LYS A 5 2.83 6.86 -5.05
N HIS A 6 3.45 6.88 -3.85
CA HIS A 6 4.58 6.06 -3.39
C HIS A 6 4.12 5.51 -2.01
N MET A 7 3.62 6.36 -1.07
CA MET A 7 3.09 5.94 0.25
C MET A 7 1.75 5.25 -0.07
N PHE A 8 0.82 5.89 -0.83
CA PHE A 8 -0.47 5.29 -1.25
C PHE A 8 -0.26 4.01 -2.12
N ASP A 9 0.81 3.97 -2.95
CA ASP A 9 1.15 2.78 -3.79
C ASP A 9 1.51 1.58 -2.86
N ARG A 10 2.42 1.82 -1.87
CA ARG A 10 2.81 0.81 -0.85
C ARG A 10 1.59 0.44 0.03
N ILE A 11 0.97 1.42 0.72
CA ILE A 11 -0.26 1.21 1.56
C ILE A 11 -1.37 0.35 0.86
N GLY A 12 -1.60 0.65 -0.44
CA GLY A 12 -2.56 -0.09 -1.29
C GLY A 12 -2.30 -1.62 -1.46
N LYS A 13 -1.02 -2.05 -1.32
CA LYS A 13 -0.59 -3.47 -1.37
C LYS A 13 0.48 -3.78 -0.27
N ASP A 14 0.22 -3.30 0.97
CA ASP A 14 1.05 -3.52 2.18
C ASP A 14 0.01 -3.88 3.23
N VAL A 15 -0.89 -2.95 3.58
CA VAL A 15 -1.99 -3.28 4.53
C VAL A 15 -3.35 -3.48 3.76
N TYR A 16 -3.11 -4.31 2.77
CA TYR A 16 -4.00 -4.89 1.77
C TYR A 16 -3.33 -6.28 1.52
N ASP A 17 -1.99 -6.37 1.28
CA ASP A 17 -1.28 -7.67 1.11
C ASP A 17 -1.24 -8.39 2.50
N LYS A 18 -0.88 -7.68 3.61
CA LYS A 18 -0.89 -8.30 4.97
C LYS A 18 -2.39 -8.53 5.46
N VAL A 19 -3.39 -7.84 4.85
CA VAL A 19 -4.83 -7.96 5.14
C VAL A 19 -5.42 -9.22 4.45
N LYS A 20 -5.23 -9.36 3.12
CA LYS A 20 -5.67 -10.55 2.36
C LYS A 20 -4.95 -11.90 2.76
N GLU A 21 -3.85 -11.82 3.56
CA GLU A 21 -3.08 -12.97 4.07
C GLU A 21 -3.72 -13.56 5.35
N GLU A 2 5.06 10.93 -7.20
CA GLU A 2 5.80 11.31 -5.96
C GLU A 2 5.36 10.54 -4.67
N SER A 3 5.44 11.23 -3.51
CA SER A 3 5.03 10.70 -2.19
C SER A 3 3.60 10.16 -2.11
N ALA A 4 2.65 10.86 -2.77
CA ALA A 4 1.23 10.42 -2.83
C ALA A 4 0.81 9.30 -3.84
N LYS A 5 1.84 8.70 -4.39
CA LYS A 5 1.85 7.55 -5.32
C LYS A 5 3.11 6.61 -5.10
N HIS A 6 3.64 6.68 -3.86
CA HIS A 6 4.76 5.90 -3.30
C HIS A 6 4.24 5.39 -1.92
N MET A 7 3.65 6.27 -1.06
CA MET A 7 3.04 5.89 0.24
C MET A 7 1.73 5.20 -0.13
N PHE A 8 0.84 5.81 -0.95
CA PHE A 8 -0.42 5.19 -1.43
C PHE A 8 -0.16 3.90 -2.26
N ASP A 9 0.95 3.84 -3.04
CA ASP A 9 1.33 2.63 -3.83
C ASP A 9 1.67 1.46 -2.85
N ARG A 10 2.51 1.75 -1.83
CA ARG A 10 2.89 0.79 -0.77
C ARG A 10 1.65 0.39 0.06
N ILE A 11 0.96 1.37 0.68
CA ILE A 11 -0.30 1.16 1.47
C ILE A 11 -1.34 0.25 0.71
N GLY A 12 -1.51 0.52 -0.60
CA GLY A 12 -2.39 -0.26 -1.50
C GLY A 12 -2.08 -1.77 -1.63
N LYS A 13 -0.82 -2.18 -1.36
CA LYS A 13 -0.35 -3.58 -1.37
C LYS A 13 0.69 -3.83 -0.21
N ASP A 14 0.32 -3.38 1.01
CA ASP A 14 1.08 -3.54 2.27
C ASP A 14 -0.02 -3.88 3.26
N VAL A 15 -0.95 -2.94 3.53
CA VAL A 15 -2.10 -3.25 4.43
C VAL A 15 -3.41 -3.46 3.58
N TYR A 16 -3.12 -4.33 2.63
CA TYR A 16 -3.95 -4.95 1.59
C TYR A 16 -3.27 -6.35 1.42
N ASP A 17 -1.91 -6.44 1.27
CA ASP A 17 -1.20 -7.74 1.18
C ASP A 17 -1.23 -8.40 2.59
N LYS A 18 -0.93 -7.67 3.70
CA LYS A 18 -1.02 -8.22 5.07
C LYS A 18 -2.54 -8.43 5.50
N VAL A 19 -3.50 -7.79 4.78
CA VAL A 19 -4.97 -7.90 5.01
C VAL A 19 -5.51 -9.19 4.35
N LYS A 20 -5.23 -9.40 3.04
CA LYS A 20 -5.63 -10.64 2.31
C LYS A 20 -4.99 -11.95 2.90
N GLU A 21 -3.89 -11.83 3.68
CA GLU A 21 -3.20 -12.96 4.34
C GLU A 21 -3.86 -13.32 5.68
N GLU A 2 4.74 10.60 -7.36
CA GLU A 2 5.28 11.39 -6.22
C GLU A 2 5.08 10.71 -4.84
N SER A 3 5.19 11.50 -3.75
CA SER A 3 5.03 11.04 -2.35
C SER A 3 3.68 10.37 -2.09
N ALA A 4 2.59 11.07 -2.42
CA ALA A 4 1.21 10.52 -2.28
C ALA A 4 0.71 9.52 -3.40
N LYS A 5 1.71 8.97 -4.06
CA LYS A 5 1.67 7.94 -5.12
C LYS A 5 2.88 6.90 -5.00
N HIS A 6 3.50 6.90 -3.81
CA HIS A 6 4.59 6.05 -3.32
C HIS A 6 4.06 5.52 -1.95
N MET A 7 3.55 6.39 -1.03
CA MET A 7 2.95 6.00 0.26
C MET A 7 1.62 5.29 -0.08
N PHE A 8 0.73 5.91 -0.89
CA PHE A 8 -0.55 5.31 -1.34
C PHE A 8 -0.33 4.02 -2.20
N ASP A 9 0.75 3.98 -3.01
CA ASP A 9 1.12 2.77 -3.82
C ASP A 9 1.47 1.59 -2.87
N ARG A 10 2.33 1.85 -1.86
CA ARG A 10 2.72 0.85 -0.84
C ARG A 10 1.50 0.49 0.03
N ILE A 11 0.85 1.47 0.70
CA ILE A 11 -0.39 1.27 1.52
C ILE A 11 -1.48 0.38 0.81
N GLY A 12 -1.70 0.66 -0.49
CA GLY A 12 -2.63 -0.09 -1.35
C GLY A 12 -2.35 -1.62 -1.51
N LYS A 13 -1.10 -2.04 -1.31
CA LYS A 13 -0.63 -3.44 -1.35
C LYS A 13 0.44 -3.74 -0.24
N ASP A 14 0.14 -3.26 0.99
CA ASP A 14 0.95 -3.44 2.22
C ASP A 14 -0.11 -3.80 3.24
N VAL A 15 -1.01 -2.86 3.60
CA VAL A 15 -2.12 -3.19 4.53
C VAL A 15 -3.47 -3.41 3.75
N TYR A 16 -3.21 -4.23 2.75
CA TYR A 16 -4.10 -4.81 1.74
C TYR A 16 -3.48 -6.22 1.53
N ASP A 17 -2.14 -6.35 1.29
CA ASP A 17 -1.50 -7.67 1.15
C ASP A 17 -1.36 -8.34 2.55
N LYS A 18 -1.04 -7.59 3.64
CA LYS A 18 -0.97 -8.16 5.00
C LYS A 18 -2.41 -8.55 5.53
N VAL A 19 -3.51 -7.94 5.01
CA VAL A 19 -4.91 -8.28 5.38
C VAL A 19 -5.41 -9.52 4.62
N LYS A 20 -5.28 -9.51 3.28
CA LYS A 20 -5.66 -10.65 2.41
C LYS A 20 -4.85 -11.98 2.72
N GLU A 21 -3.69 -11.87 3.42
CA GLU A 21 -2.84 -13.00 3.83
C GLU A 21 -3.30 -13.60 5.18
N GLU A 2 4.91 11.12 -7.21
CA GLU A 2 5.77 11.30 -6.03
C GLU A 2 5.34 10.53 -4.73
N SER A 3 5.43 11.23 -3.60
CA SER A 3 5.04 10.75 -2.25
C SER A 3 3.62 10.16 -2.16
N ALA A 4 2.66 10.86 -2.80
CA ALA A 4 1.24 10.39 -2.86
C ALA A 4 0.86 9.27 -3.89
N LYS A 5 1.91 8.67 -4.41
CA LYS A 5 1.95 7.54 -5.36
C LYS A 5 3.20 6.59 -5.09
N HIS A 6 3.73 6.68 -3.88
CA HIS A 6 4.84 5.90 -3.29
C HIS A 6 4.29 5.39 -1.92
N MET A 7 3.69 6.26 -1.07
CA MET A 7 3.06 5.88 0.21
C MET A 7 1.75 5.17 -0.18
N PHE A 8 0.88 5.78 -1.01
CA PHE A 8 -0.37 5.15 -1.50
C PHE A 8 -0.09 3.85 -2.32
N ASP A 9 1.03 3.78 -3.07
CA ASP A 9 1.44 2.56 -3.84
C ASP A 9 1.75 1.41 -2.85
N ARG A 10 2.58 1.71 -1.80
CA ARG A 10 2.93 0.75 -0.73
C ARG A 10 1.67 0.37 0.08
N ILE A 11 0.97 1.36 0.68
CA ILE A 11 -0.31 1.16 1.43
C ILE A 11 -1.35 0.25 0.68
N GLY A 12 -1.49 0.50 -0.64
CA GLY A 12 -2.36 -0.28 -1.54
C GLY A 12 -2.06 -1.81 -1.64
N LYS A 13 -0.81 -2.20 -1.36
CA LYS A 13 -0.35 -3.61 -1.33
C LYS A 13 0.67 -3.87 -0.16
N ASP A 14 0.29 -3.39 1.04
CA ASP A 14 1.02 -3.53 2.33
C ASP A 14 -0.10 -3.85 3.29
N VAL A 15 -1.04 -2.91 3.54
CA VAL A 15 -2.21 -3.22 4.41
C VAL A 15 -3.50 -3.47 3.54
N TYR A 16 -3.16 -4.35 2.62
CA TYR A 16 -3.97 -4.99 1.57
C TYR A 16 -3.26 -6.38 1.45
N ASP A 17 -1.89 -6.46 1.34
CA ASP A 17 -1.17 -7.76 1.30
C ASP A 17 -1.23 -8.41 2.72
N LYS A 18 -0.98 -7.64 3.81
CA LYS A 18 -1.10 -8.14 5.19
C LYS A 18 -2.62 -8.38 5.60
N VAL A 19 -3.57 -7.77 4.84
CA VAL A 19 -5.05 -7.91 5.01
C VAL A 19 -5.55 -9.21 4.34
N LYS A 20 -5.25 -9.41 3.04
CA LYS A 20 -5.62 -10.64 2.30
C LYS A 20 -4.93 -11.95 2.83
N GLU A 21 -3.90 -11.83 3.69
CA GLU A 21 -3.17 -12.95 4.32
C GLU A 21 -3.84 -13.38 5.65
N GLU A 2 4.59 10.95 -7.30
CA GLU A 2 5.38 11.41 -6.14
C GLU A 2 5.05 10.67 -4.80
N SER A 3 5.24 11.37 -3.68
CA SER A 3 4.96 10.88 -2.30
C SER A 3 3.55 10.29 -2.11
N ALA A 4 2.54 11.00 -2.63
CA ALA A 4 1.12 10.53 -2.58
C ALA A 4 0.66 9.44 -3.61
N LYS A 5 1.68 8.84 -4.21
CA LYS A 5 1.65 7.72 -5.18
C LYS A 5 2.93 6.77 -5.01
N HIS A 6 3.50 6.82 -3.80
CA HIS A 6 4.64 6.03 -3.28
C HIS A 6 4.17 5.50 -1.90
N MET A 7 3.62 6.36 -1.00
CA MET A 7 3.06 5.96 0.31
C MET A 7 1.72 5.27 -0.03
N PHE A 8 0.80 5.91 -0.81
CA PHE A 8 -0.47 5.30 -1.24
C PHE A 8 -0.25 4.02 -2.10
N ASP A 9 0.83 3.97 -2.92
CA ASP A 9 1.19 2.77 -3.74
C ASP A 9 1.54 1.59 -2.79
N ARG A 10 2.42 1.85 -1.79
CA ARG A 10 2.82 0.87 -0.75
C ARG A 10 1.60 0.47 0.10
N ILE A 11 0.94 1.44 0.77
CA ILE A 11 -0.29 1.23 1.59
C ILE A 11 -1.36 0.35 0.87
N GLY A 12 -1.58 0.63 -0.43
CA GLY A 12 -2.50 -0.13 -1.30
C GLY A 12 -2.21 -1.64 -1.46
N LYS A 13 -0.94 -2.05 -1.29
CA LYS A 13 -0.49 -3.46 -1.32
C LYS A 13 0.57 -3.77 -0.19
N ASP A 14 0.25 -3.30 1.03
CA ASP A 14 1.05 -3.49 2.27
C ASP A 14 -0.02 -3.86 3.28
N VAL A 15 -0.95 -2.94 3.61
CA VAL A 15 -2.07 -3.28 4.53
C VAL A 15 -3.40 -3.49 3.71
N TYR A 16 -3.12 -4.33 2.74
CA TYR A 16 -3.98 -4.93 1.71
C TYR A 16 -3.28 -6.30 1.49
N ASP A 17 -1.93 -6.38 1.30
CA ASP A 17 -1.20 -7.67 1.17
C ASP A 17 -1.20 -8.39 2.55
N LYS A 18 -0.88 -7.68 3.67
CA LYS A 18 -0.94 -8.29 5.03
C LYS A 18 -2.45 -8.52 5.49
N VAL A 19 -3.43 -7.86 4.82
CA VAL A 19 -4.89 -7.99 5.07
C VAL A 19 -5.45 -9.25 4.36
N LYS A 20 -5.22 -9.39 3.04
CA LYS A 20 -5.65 -10.58 2.26
C LYS A 20 -4.96 -11.92 2.69
N GLU A 21 -3.88 -11.85 3.51
CA GLU A 21 -3.14 -13.01 4.04
C GLU A 21 -3.78 -13.54 5.34
N GLU A 2 4.66 10.85 -7.35
CA GLU A 2 5.45 11.37 -6.21
C GLU A 2 5.12 10.66 -4.85
N SER A 3 5.30 11.38 -3.72
CA SER A 3 5.00 10.90 -2.34
C SER A 3 3.58 10.32 -2.16
N ALA A 4 2.58 11.03 -2.69
CA ALA A 4 1.16 10.56 -2.65
C ALA A 4 0.71 9.44 -3.66
N LYS A 5 1.72 8.86 -4.28
CA LYS A 5 1.71 7.74 -5.23
C LYS A 5 2.95 6.77 -5.02
N HIS A 6 3.53 6.83 -3.82
CA HIS A 6 4.65 6.03 -3.28
C HIS A 6 4.14 5.51 -1.90
N MET A 7 3.62 6.39 -1.01
CA MET A 7 3.03 6.00 0.30
C MET A 7 1.69 5.32 -0.04
N PHE A 8 0.80 5.94 -0.85
CA PHE A 8 -0.48 5.33 -1.29
C PHE A 8 -0.25 4.03 -2.13
N ASP A 9 0.84 3.97 -2.93
CA ASP A 9 1.19 2.75 -3.72
C ASP A 9 1.53 1.59 -2.74
N ARG A 10 2.42 1.87 -1.75
CA ARG A 10 2.81 0.90 -0.69
C ARG A 10 1.58 0.52 0.17
N ILE A 11 0.91 1.50 0.80
CA ILE A 11 -0.34 1.31 1.60
C ILE A 11 -1.40 0.41 0.88
N GLY A 12 -1.59 0.67 -0.42
CA GLY A 12 -2.51 -0.10 -1.30
C GLY A 12 -2.21 -1.61 -1.46
N LYS A 13 -0.96 -2.02 -1.20
CA LYS A 13 -0.48 -3.43 -1.21
C LYS A 13 0.52 -3.76 -0.05
N ASP A 14 0.23 -3.23 1.15
CA ASP A 14 0.99 -3.44 2.40
C ASP A 14 -0.11 -3.79 3.39
N VAL A 15 -1.03 -2.86 3.71
CA VAL A 15 -2.17 -3.20 4.61
C VAL A 15 -3.49 -3.41 3.77
N TYR A 16 -3.20 -4.21 2.77
CA TYR A 16 -4.06 -4.77 1.73
C TYR A 16 -3.43 -6.18 1.52
N ASP A 17 -2.08 -6.32 1.34
CA ASP A 17 -1.44 -7.63 1.21
C ASP A 17 -1.36 -8.31 2.61
N LYS A 18 -1.11 -7.58 3.73
CA LYS A 18 -1.10 -8.17 5.09
C LYS A 18 -2.56 -8.59 5.51
N VAL A 19 -3.63 -7.94 4.98
CA VAL A 19 -5.04 -8.30 5.26
C VAL A 19 -5.49 -9.54 4.46
N LYS A 20 -5.30 -9.50 3.13
CA LYS A 20 -5.61 -10.63 2.21
C LYS A 20 -4.82 -11.96 2.57
N GLU A 21 -3.69 -11.85 3.30
CA GLU A 21 -2.86 -12.98 3.75
C GLU A 21 -3.40 -13.60 5.06
N GLU A 2 4.79 11.06 -7.23
CA GLU A 2 5.66 11.34 -6.06
C GLU A 2 5.21 10.61 -4.75
N SER A 3 5.33 11.32 -3.62
CA SER A 3 4.98 10.84 -2.25
C SER A 3 3.56 10.28 -2.11
N ALA A 4 2.58 10.99 -2.68
CA ALA A 4 1.15 10.53 -2.67
C ALA A 4 0.71 9.43 -3.71
N LYS A 5 1.74 8.83 -4.28
CA LYS A 5 1.74 7.71 -5.24
C LYS A 5 2.97 6.74 -5.04
N HIS A 6 3.55 6.81 -3.83
CA HIS A 6 4.66 6.00 -3.29
C HIS A 6 4.17 5.48 -1.91
N MET A 7 3.61 6.35 -1.03
CA MET A 7 3.03 5.98 0.28
C MET A 7 1.69 5.29 -0.07
N PHE A 8 0.79 5.92 -0.87
CA PHE A 8 -0.48 5.30 -1.32
C PHE A 8 -0.25 4.02 -2.16
N ASP A 9 0.84 3.95 -2.97
CA ASP A 9 1.20 2.74 -3.76
C ASP A 9 1.53 1.56 -2.78
N ARG A 10 2.41 1.84 -1.77
CA ARG A 10 2.79 0.87 -0.72
C ARG A 10 1.56 0.50 0.13
N ILE A 11 0.89 1.48 0.76
CA ILE A 11 -0.35 1.28 1.56
C ILE A 11 -1.42 0.39 0.84
N GLY A 12 -1.61 0.65 -0.47
CA GLY A 12 -2.52 -0.12 -1.35
C GLY A 12 -2.22 -1.63 -1.51
N LYS A 13 -0.96 -2.04 -1.25
CA LYS A 13 -0.51 -3.46 -1.27
C LYS A 13 0.54 -3.73 -0.13
N ASP A 14 0.20 -3.27 1.09
CA ASP A 14 0.97 -3.44 2.34
C ASP A 14 -0.11 -3.80 3.34
N VAL A 15 -1.03 -2.86 3.66
CA VAL A 15 -2.17 -3.18 4.56
C VAL A 15 -3.50 -3.41 3.75
N TYR A 16 -3.22 -4.22 2.75
CA TYR A 16 -4.08 -4.80 1.71
C TYR A 16 -3.45 -6.21 1.52
N ASP A 17 -2.10 -6.33 1.34
CA ASP A 17 -1.45 -7.66 1.23
C ASP A 17 -1.37 -8.32 2.63
N LYS A 18 -1.10 -7.56 3.74
CA LYS A 18 -1.08 -8.14 5.10
C LYS A 18 -2.55 -8.56 5.54
N VAL A 19 -3.62 -7.93 4.99
CA VAL A 19 -5.03 -8.27 5.29
C VAL A 19 -5.48 -9.53 4.51
N LYS A 20 -5.30 -9.51 3.18
CA LYS A 20 -5.62 -10.65 2.29
C LYS A 20 -4.82 -11.97 2.63
N GLU A 21 -3.71 -11.86 3.38
CA GLU A 21 -2.86 -12.98 3.83
C GLU A 21 -3.39 -13.59 5.15
N GLU A 2 4.21 10.98 -7.40
CA GLU A 2 5.13 11.52 -6.34
C GLU A 2 5.01 10.76 -4.98
N SER A 3 5.28 11.47 -3.86
CA SER A 3 5.18 10.96 -2.47
C SER A 3 3.82 10.31 -2.16
N ALA A 4 2.72 11.01 -2.49
CA ALA A 4 1.34 10.48 -2.31
C ALA A 4 0.82 9.45 -3.39
N LYS A 5 1.81 8.86 -4.04
CA LYS A 5 1.77 7.79 -5.06
C LYS A 5 3.00 6.79 -4.92
N HIS A 6 3.59 6.82 -3.71
CA HIS A 6 4.70 6.00 -3.18
C HIS A 6 4.17 5.48 -1.80
N MET A 7 3.62 6.36 -0.92
CA MET A 7 3.02 5.99 0.37
C MET A 7 1.68 5.28 0.03
N PHE A 8 0.80 5.90 -0.78
CA PHE A 8 -0.48 5.29 -1.24
C PHE A 8 -0.25 4.02 -2.10
N ASP A 9 0.83 3.97 -2.91
CA ASP A 9 1.19 2.77 -3.73
C ASP A 9 1.55 1.59 -2.78
N ARG A 10 2.41 1.86 -1.77
CA ARG A 10 2.80 0.87 -0.74
C ARG A 10 1.57 0.47 0.11
N ILE A 11 0.91 1.44 0.78
CA ILE A 11 -0.33 1.22 1.58
C ILE A 11 -1.40 0.33 0.85
N GLY A 12 -1.59 0.63 -0.46
CA GLY A 12 -2.51 -0.13 -1.34
C GLY A 12 -2.23 -1.65 -1.50
N LYS A 13 -0.95 -2.06 -1.31
CA LYS A 13 -0.49 -3.47 -1.34
C LYS A 13 0.55 -3.77 -0.21
N ASP A 14 0.24 -3.30 1.02
CA ASP A 14 1.02 -3.50 2.26
C ASP A 14 -0.06 -3.88 3.27
N VAL A 15 -0.99 -2.95 3.59
CA VAL A 15 -2.12 -3.31 4.51
C VAL A 15 -3.44 -3.52 3.68
N TYR A 16 -3.16 -4.35 2.69
CA TYR A 16 -4.00 -4.95 1.66
C TYR A 16 -3.30 -6.33 1.45
N ASP A 17 -1.95 -6.41 1.28
CA ASP A 17 -1.22 -7.70 1.15
C ASP A 17 -1.24 -8.41 2.54
N LYS A 18 -0.95 -7.69 3.66
CA LYS A 18 -1.02 -8.26 5.03
C LYS A 18 -2.53 -8.55 5.42
N VAL A 19 -3.51 -7.84 4.79
CA VAL A 19 -4.97 -8.01 4.99
C VAL A 19 -5.47 -9.30 4.30
N LYS A 20 -5.19 -9.47 2.99
CA LYS A 20 -5.56 -10.70 2.22
C LYS A 20 -4.89 -12.01 2.77
N GLU A 21 -3.79 -11.89 3.56
CA GLU A 21 -3.07 -13.00 4.19
C GLU A 21 -3.74 -13.45 5.50
N GLU A 2 4.67 10.85 -7.33
CA GLU A 2 5.46 11.38 -6.18
C GLU A 2 5.12 10.65 -4.83
N SER A 3 5.31 11.37 -3.70
CA SER A 3 5.00 10.89 -2.32
C SER A 3 3.59 10.31 -2.14
N ALA A 4 2.58 11.02 -2.68
CA ALA A 4 1.16 10.56 -2.64
C ALA A 4 0.70 9.46 -3.67
N LYS A 5 1.73 8.85 -4.24
CA LYS A 5 1.71 7.73 -5.20
C LYS A 5 2.96 6.77 -5.02
N HIS A 6 3.53 6.82 -3.80
CA HIS A 6 4.66 6.03 -3.26
C HIS A 6 4.16 5.51 -1.89
N MET A 7 3.62 6.39 -1.00
CA MET A 7 3.04 6.01 0.31
C MET A 7 1.70 5.32 -0.03
N PHE A 8 0.80 5.95 -0.83
CA PHE A 8 -0.48 5.35 -1.27
C PHE A 8 -0.26 4.06 -2.12
N ASP A 9 0.84 3.99 -2.92
CA ASP A 9 1.18 2.78 -3.72
C ASP A 9 1.53 1.61 -2.76
N ARG A 10 2.41 1.88 -1.76
CA ARG A 10 2.81 0.91 -0.70
C ARG A 10 1.58 0.52 0.15
N ILE A 11 0.91 1.51 0.78
CA ILE A 11 -0.33 1.30 1.59
C ILE A 11 -1.40 0.41 0.87
N GLY A 12 -1.60 0.68 -0.43
CA GLY A 12 -2.51 -0.08 -1.32
C GLY A 12 -2.21 -1.60 -1.50
N LYS A 13 -0.96 -2.01 -1.23
CA LYS A 13 -0.50 -3.41 -1.27
C LYS A 13 0.51 -3.76 -0.11
N ASP A 14 0.23 -3.23 1.10
CA ASP A 14 0.98 -3.44 2.35
C ASP A 14 -0.11 -3.81 3.35
N VAL A 15 -1.03 -2.88 3.67
CA VAL A 15 -2.17 -3.23 4.56
C VAL A 15 -3.50 -3.43 3.74
N TYR A 16 -3.20 -4.23 2.73
CA TYR A 16 -4.07 -4.80 1.69
C TYR A 16 -3.46 -6.21 1.47
N ASP A 17 -2.12 -6.35 1.29
CA ASP A 17 -1.48 -7.67 1.16
C ASP A 17 -1.39 -8.34 2.57
N LYS A 18 -1.11 -7.59 3.67
CA LYS A 18 -1.09 -8.16 5.04
C LYS A 18 -2.54 -8.57 5.50
N VAL A 19 -3.62 -7.93 4.96
CA VAL A 19 -5.03 -8.26 5.28
C VAL A 19 -5.49 -9.52 4.52
N LYS A 20 -5.32 -9.52 3.19
CA LYS A 20 -5.66 -10.69 2.32
C LYS A 20 -4.82 -12.00 2.64
N GLU A 21 -3.72 -11.88 3.42
CA GLU A 21 -2.86 -12.99 3.85
C GLU A 21 -3.37 -13.63 5.16
N GLU A 2 4.81 10.64 -7.35
CA GLU A 2 5.55 11.25 -6.21
C GLU A 2 5.20 10.58 -4.84
N SER A 3 5.34 11.34 -3.73
CA SER A 3 5.04 10.88 -2.34
C SER A 3 3.62 10.32 -2.15
N ALA A 4 2.62 11.05 -2.68
CA ALA A 4 1.19 10.62 -2.63
C ALA A 4 0.72 9.51 -3.65
N LYS A 5 1.72 8.93 -4.30
CA LYS A 5 1.67 7.82 -5.26
C LYS A 5 2.86 6.80 -5.08
N HIS A 6 3.48 6.85 -3.88
CA HIS A 6 4.58 5.99 -3.38
C HIS A 6 4.11 5.49 -1.99
N MET A 7 3.60 6.37 -1.09
CA MET A 7 3.05 6.01 0.23
C MET A 7 1.69 5.35 -0.08
N PHE A 8 0.79 5.98 -0.87
CA PHE A 8 -0.51 5.40 -1.29
C PHE A 8 -0.32 4.09 -2.12
N ASP A 9 0.75 4.00 -2.95
CA ASP A 9 1.07 2.79 -3.75
C ASP A 9 1.42 1.61 -2.78
N ARG A 10 2.31 1.89 -1.79
CA ARG A 10 2.72 0.92 -0.74
C ARG A 10 1.51 0.56 0.14
N ILE A 11 0.86 1.55 0.79
CA ILE A 11 -0.36 1.38 1.64
C ILE A 11 -1.45 0.49 0.95
N GLY A 12 -1.68 0.76 -0.36
CA GLY A 12 -2.62 0.00 -1.20
C GLY A 12 -2.36 -1.53 -1.36
N LYS A 13 -1.08 -1.95 -1.19
CA LYS A 13 -0.64 -3.36 -1.23
C LYS A 13 0.40 -3.68 -0.08
N ASP A 14 0.12 -3.17 1.14
CA ASP A 14 0.92 -3.38 2.37
C ASP A 14 -0.14 -3.77 3.39
N VAL A 15 -1.06 -2.85 3.74
CA VAL A 15 -2.18 -3.21 4.67
C VAL A 15 -3.52 -3.43 3.87
N TYR A 16 -3.24 -4.22 2.84
CA TYR A 16 -4.11 -4.79 1.82
C TYR A 16 -3.46 -6.18 1.59
N ASP A 17 -2.12 -6.28 1.36
CA ASP A 17 -1.45 -7.59 1.22
C ASP A 17 -1.33 -8.29 2.61
N LYS A 18 -1.06 -7.56 3.72
CA LYS A 18 -1.02 -8.18 5.07
C LYS A 18 -2.47 -8.63 5.53
N VAL A 19 -3.57 -8.01 5.00
CA VAL A 19 -4.96 -8.37 5.32
C VAL A 19 -5.42 -9.61 4.49
N LYS A 20 -5.25 -9.52 3.16
CA LYS A 20 -5.59 -10.63 2.23
C LYS A 20 -4.76 -11.95 2.48
N GLU A 21 -3.64 -11.86 3.24
CA GLU A 21 -2.77 -12.99 3.61
C GLU A 21 -3.26 -13.68 4.91
N GLU A 2 4.71 10.94 -7.18
CA GLU A 2 5.57 11.30 -6.03
C GLU A 2 5.16 10.58 -4.70
N SER A 3 5.26 11.32 -3.59
CA SER A 3 4.94 10.85 -2.21
C SER A 3 3.52 10.27 -2.05
N ALA A 4 2.53 10.98 -2.59
CA ALA A 4 1.11 10.52 -2.58
C ALA A 4 0.65 9.43 -3.60
N LYS A 5 1.66 8.83 -4.20
CA LYS A 5 1.65 7.72 -5.18
C LYS A 5 2.90 6.77 -5.01
N HIS A 6 3.46 6.80 -3.79
CA HIS A 6 4.61 6.00 -3.29
C HIS A 6 4.13 5.47 -1.90
N MET A 7 3.59 6.33 -1.01
CA MET A 7 3.04 5.94 0.30
C MET A 7 1.69 5.25 -0.02
N PHE A 8 0.78 5.90 -0.80
CA PHE A 8 -0.51 5.30 -1.23
C PHE A 8 -0.29 4.03 -2.10
N ASP A 9 0.78 3.99 -2.93
CA ASP A 9 1.12 2.79 -3.76
C ASP A 9 1.49 1.59 -2.84
N ARG A 10 2.38 1.86 -1.84
CA ARG A 10 2.79 0.86 -0.81
C ARG A 10 1.58 0.46 0.06
N ILE A 11 0.92 1.42 0.73
CA ILE A 11 -0.30 1.20 1.56
C ILE A 11 -1.38 0.32 0.84
N GLY A 12 -1.61 0.62 -0.46
CA GLY A 12 -2.53 -0.13 -1.33
C GLY A 12 -2.25 -1.65 -1.51
N LYS A 13 -0.97 -2.06 -1.32
CA LYS A 13 -0.52 -3.47 -1.38
C LYS A 13 0.57 -3.76 -0.28
N ASP A 14 0.25 -3.33 0.96
CA ASP A 14 1.07 -3.52 2.19
C ASP A 14 0.00 -3.88 3.21
N VAL A 15 -0.91 -2.95 3.55
CA VAL A 15 -2.02 -3.27 4.49
C VAL A 15 -3.36 -3.47 3.68
N TYR A 16 -3.10 -4.32 2.71
CA TYR A 16 -3.98 -4.91 1.69
C TYR A 16 -3.31 -6.30 1.47
N ASP A 17 -1.96 -6.39 1.25
CA ASP A 17 -1.26 -7.69 1.12
C ASP A 17 -1.22 -8.39 2.50
N LYS A 18 -0.89 -7.68 3.61
CA LYS A 18 -0.91 -8.25 4.98
C LYS A 18 -2.41 -8.48 5.48
N VAL A 19 -3.41 -7.82 4.81
CA VAL A 19 -4.86 -7.96 5.09
C VAL A 19 -5.43 -9.22 4.40
N LYS A 20 -5.22 -9.37 3.08
CA LYS A 20 -5.66 -10.57 2.32
C LYS A 20 -4.95 -11.91 2.76
N GLU A 21 -3.86 -11.82 3.54
CA GLU A 21 -3.10 -12.98 4.08
C GLU A 21 -3.69 -13.43 5.44
N GLU A 2 4.96 10.54 -7.38
CA GLU A 2 5.57 11.21 -6.20
C GLU A 2 5.18 10.56 -4.83
N SER A 3 5.26 11.35 -3.76
CA SER A 3 4.93 10.94 -2.37
C SER A 3 3.52 10.36 -2.19
N ALA A 4 2.53 11.07 -2.76
CA ALA A 4 1.11 10.61 -2.73
C ALA A 4 0.66 9.49 -3.73
N LYS A 5 1.68 8.90 -4.35
CA LYS A 5 1.67 7.77 -5.30
C LYS A 5 2.89 6.77 -5.07
N HIS A 6 3.47 6.85 -3.87
CA HIS A 6 4.58 6.03 -3.33
C HIS A 6 4.06 5.54 -1.94
N MET A 7 3.55 6.44 -1.07
CA MET A 7 2.97 6.08 0.25
C MET A 7 1.62 5.40 -0.08
N PHE A 8 0.72 6.01 -0.88
CA PHE A 8 -0.56 5.40 -1.31
C PHE A 8 -0.34 4.10 -2.13
N ASP A 9 0.75 4.01 -2.93
CA ASP A 9 1.10 2.79 -3.71
C ASP A 9 1.43 1.63 -2.74
N ARG A 10 2.36 1.88 -1.77
CA ARG A 10 2.72 0.86 -0.75
C ARG A 10 1.51 0.56 0.18
N ILE A 11 0.85 1.56 0.78
CA ILE A 11 -0.37 1.39 1.64
C ILE A 11 -1.46 0.49 0.97
N GLY A 12 -1.72 0.75 -0.33
CA GLY A 12 -2.66 -0.04 -1.15
C GLY A 12 -2.36 -1.55 -1.36
N LYS A 13 -1.11 -1.96 -1.10
CA LYS A 13 -0.61 -3.35 -1.16
C LYS A 13 0.43 -3.70 -0.04
N ASP A 14 0.19 -3.17 1.18
CA ASP A 14 1.00 -3.39 2.41
C ASP A 14 -0.05 -3.79 3.42
N VAL A 15 -0.97 -2.88 3.79
CA VAL A 15 -2.08 -3.24 4.72
C VAL A 15 -3.44 -3.44 3.93
N TYR A 16 -3.17 -4.21 2.88
CA TYR A 16 -4.06 -4.75 1.86
C TYR A 16 -3.43 -6.15 1.60
N ASP A 17 -2.10 -6.28 1.37
CA ASP A 17 -1.46 -7.60 1.19
C ASP A 17 -1.34 -8.30 2.57
N LYS A 18 -1.02 -7.60 3.69
CA LYS A 18 -0.97 -8.23 5.02
C LYS A 18 -2.41 -8.65 5.51
N VAL A 19 -3.51 -8.03 5.00
CA VAL A 19 -4.91 -8.36 5.34
C VAL A 19 -5.42 -9.56 4.52
N LYS A 20 -5.28 -9.47 3.17
CA LYS A 20 -5.66 -10.55 2.23
C LYS A 20 -4.84 -11.89 2.44
N GLU A 21 -3.71 -11.84 3.17
CA GLU A 21 -2.85 -13.00 3.50
C GLU A 21 -3.31 -13.68 4.81
N GLU A 2 4.85 10.48 -7.32
CA GLU A 2 5.45 11.22 -6.19
C GLU A 2 5.13 10.60 -4.79
N SER A 3 5.21 11.41 -3.71
CA SER A 3 4.93 10.96 -2.32
C SER A 3 3.53 10.37 -2.11
N ALA A 4 2.51 11.08 -2.61
CA ALA A 4 1.10 10.59 -2.55
C ALA A 4 0.63 9.51 -3.59
N LYS A 5 1.65 8.96 -4.23
CA LYS A 5 1.62 7.86 -5.23
C LYS A 5 2.82 6.84 -5.05
N HIS A 6 3.44 6.88 -3.86
CA HIS A 6 4.54 6.03 -3.38
C HIS A 6 4.07 5.51 -1.99
N MET A 7 3.58 6.39 -1.07
CA MET A 7 3.03 5.99 0.24
C MET A 7 1.67 5.31 -0.07
N PHE A 8 0.77 5.95 -0.85
CA PHE A 8 -0.53 5.36 -1.27
C PHE A 8 -0.33 4.07 -2.12
N ASP A 9 0.72 4.00 -2.96
CA ASP A 9 1.05 2.79 -3.77
C ASP A 9 1.42 1.61 -2.82
N ARG A 10 2.32 1.88 -1.83
CA ARG A 10 2.74 0.90 -0.81
C ARG A 10 1.53 0.52 0.08
N ILE A 11 0.88 1.50 0.74
CA ILE A 11 -0.34 1.30 1.58
C ILE A 11 -1.42 0.41 0.88
N GLY A 12 -1.65 0.70 -0.42
CA GLY A 12 -2.58 -0.06 -1.28
C GLY A 12 -2.30 -1.58 -1.45
N LYS A 13 -1.05 -2.00 -1.23
CA LYS A 13 -0.59 -3.41 -1.29
C LYS A 13 0.49 -3.71 -0.18
N ASP A 14 0.19 -3.25 1.06
CA ASP A 14 1.00 -3.44 2.29
C ASP A 14 -0.06 -3.80 3.32
N VAL A 15 -0.97 -2.85 3.66
CA VAL A 15 -2.08 -3.18 4.60
C VAL A 15 -3.43 -3.39 3.83
N TYR A 16 -3.17 -4.19 2.81
CA TYR A 16 -4.07 -4.76 1.80
C TYR A 16 -3.45 -6.17 1.58
N ASP A 17 -2.11 -6.29 1.35
CA ASP A 17 -1.46 -7.61 1.21
C ASP A 17 -1.34 -8.30 2.59
N LYS A 18 -1.04 -7.57 3.70
CA LYS A 18 -1.00 -8.17 5.06
C LYS A 18 -2.45 -8.59 5.53
N VAL A 19 -3.54 -7.95 5.02
CA VAL A 19 -4.93 -8.29 5.35
C VAL A 19 -5.43 -9.52 4.55
N LYS A 20 -5.29 -9.45 3.21
CA LYS A 20 -5.65 -10.57 2.30
C LYS A 20 -4.83 -11.90 2.54
N GLU A 21 -3.70 -11.83 3.29
CA GLU A 21 -2.85 -12.96 3.66
C GLU A 21 -3.33 -13.63 4.97
N GLU A 2 4.92 10.68 -7.31
CA GLU A 2 5.59 11.27 -6.12
C GLU A 2 5.21 10.59 -4.77
N SER A 3 5.33 11.33 -3.67
CA SER A 3 5.02 10.87 -2.29
C SER A 3 3.60 10.31 -2.11
N ALA A 4 2.61 11.04 -2.63
CA ALA A 4 1.19 10.61 -2.60
C ALA A 4 0.71 9.52 -3.63
N LYS A 5 1.71 8.95 -4.27
CA LYS A 5 1.66 7.84 -5.26
C LYS A 5 2.85 6.82 -5.08
N HIS A 6 3.47 6.86 -3.89
CA HIS A 6 4.57 6.00 -3.40
C HIS A 6 4.09 5.48 -2.01
N MET A 7 3.61 6.37 -1.09
CA MET A 7 3.06 5.99 0.22
C MET A 7 1.69 5.33 -0.09
N PHE A 8 0.79 5.96 -0.87
CA PHE A 8 -0.51 5.39 -1.28
C PHE A 8 -0.32 4.09 -2.13
N ASP A 9 0.74 4.01 -2.97
CA ASP A 9 1.05 2.79 -3.77
C ASP A 9 1.39 1.61 -2.81
N ARG A 10 2.29 1.88 -1.82
CA ARG A 10 2.70 0.92 -0.77
C ARG A 10 1.49 0.55 0.11
N ILE A 11 0.85 1.53 0.77
CA ILE A 11 -0.38 1.35 1.60
C ILE A 11 -1.47 0.47 0.90
N GLY A 12 -1.69 0.75 -0.39
CA GLY A 12 -2.63 -0.02 -1.25
C GLY A 12 -2.35 -1.54 -1.40
N LYS A 13 -1.09 -1.96 -1.24
CA LYS A 13 -0.64 -3.37 -1.27
C LYS A 13 0.40 -3.68 -0.14
N ASP A 14 0.12 -3.19 1.09
CA ASP A 14 0.92 -3.39 2.31
C ASP A 14 -0.14 -3.77 3.33
N VAL A 15 -1.06 -2.86 3.68
CA VAL A 15 -2.18 -3.22 4.61
C VAL A 15 -3.52 -3.44 3.82
N TYR A 16 -3.24 -4.23 2.80
CA TYR A 16 -4.11 -4.81 1.77
C TYR A 16 -3.47 -6.20 1.55
N ASP A 17 -2.13 -6.32 1.32
CA ASP A 17 -1.47 -7.62 1.18
C ASP A 17 -1.35 -8.31 2.58
N LYS A 18 -1.07 -7.57 3.68
CA LYS A 18 -1.02 -8.16 5.04
C LYS A 18 -2.46 -8.60 5.52
N VAL A 19 -3.56 -7.99 4.99
CA VAL A 19 -4.96 -8.35 5.32
C VAL A 19 -5.41 -9.60 4.53
N LYS A 20 -5.26 -9.54 3.19
CA LYS A 20 -5.58 -10.68 2.28
C LYS A 20 -4.75 -11.99 2.58
N GLU A 21 -3.62 -11.88 3.32
CA GLU A 21 -2.76 -12.99 3.73
C GLU A 21 -3.23 -13.63 5.06
N GLU A 2 5.11 11.10 -7.21
CA GLU A 2 5.84 11.41 -5.95
C GLU A 2 5.36 10.61 -4.69
N SER A 3 5.50 11.24 -3.51
CA SER A 3 5.08 10.70 -2.18
C SER A 3 3.63 10.15 -2.12
N ALA A 4 2.70 10.87 -2.77
CA ALA A 4 1.29 10.43 -2.85
C ALA A 4 0.87 9.31 -3.85
N LYS A 5 1.91 8.72 -4.43
CA LYS A 5 1.91 7.58 -5.37
C LYS A 5 3.13 6.60 -5.12
N HIS A 6 3.70 6.70 -3.90
CA HIS A 6 4.80 5.89 -3.33
C HIS A 6 4.26 5.38 -1.96
N MET A 7 3.68 6.26 -1.10
CA MET A 7 3.07 5.88 0.19
C MET A 7 1.74 5.18 -0.19
N PHE A 8 0.86 5.80 -1.01
CA PHE A 8 -0.40 5.19 -1.49
C PHE A 8 -0.14 3.88 -2.31
N ASP A 9 0.98 3.81 -3.08
CA ASP A 9 1.35 2.59 -3.86
C ASP A 9 1.67 1.43 -2.85
N ARG A 10 2.51 1.73 -1.83
CA ARG A 10 2.87 0.77 -0.76
C ARG A 10 1.63 0.39 0.06
N ILE A 11 0.94 1.38 0.67
CA ILE A 11 -0.33 1.18 1.46
C ILE A 11 -1.37 0.28 0.71
N GLY A 12 -1.53 0.53 -0.61
CA GLY A 12 -2.41 -0.25 -1.49
C GLY A 12 -2.12 -1.78 -1.59
N LYS A 13 -0.85 -2.18 -1.36
CA LYS A 13 -0.38 -3.58 -1.34
C LYS A 13 0.62 -3.85 -0.17
N ASP A 14 0.26 -3.35 1.03
CA ASP A 14 1.01 -3.51 2.30
C ASP A 14 -0.09 -3.86 3.28
N VAL A 15 -1.04 -2.93 3.55
CA VAL A 15 -2.19 -3.25 4.44
C VAL A 15 -3.49 -3.49 3.58
N TYR A 16 -3.18 -4.36 2.65
CA TYR A 16 -3.99 -4.98 1.60
C TYR A 16 -3.30 -6.37 1.44
N ASP A 17 -1.93 -6.45 1.29
CA ASP A 17 -1.21 -7.74 1.22
C ASP A 17 -1.24 -8.41 2.64
N LYS A 18 -0.96 -7.67 3.73
CA LYS A 18 -1.05 -8.22 5.11
C LYS A 18 -2.57 -8.44 5.54
N VAL A 19 -3.54 -7.80 4.81
CA VAL A 19 -5.01 -7.92 5.03
C VAL A 19 -5.51 -9.23 4.37
N LYS A 20 -5.23 -9.45 3.07
CA LYS A 20 -5.60 -10.69 2.35
C LYS A 20 -4.91 -12.00 2.91
N GLU A 21 -3.84 -11.85 3.74
CA GLU A 21 -3.11 -12.95 4.39
C GLU A 21 -3.82 -13.43 5.67
N GLU A 2 4.63 10.70 -7.29
CA GLU A 2 5.38 11.31 -6.16
C GLU A 2 5.07 10.64 -4.78
N SER A 3 5.23 11.38 -3.67
CA SER A 3 4.97 10.90 -2.27
C SER A 3 3.56 10.32 -2.06
N ALA A 4 2.54 11.03 -2.55
CA ALA A 4 1.12 10.57 -2.47
C ALA A 4 0.63 9.51 -3.51
N LYS A 5 1.63 8.92 -4.16
CA LYS A 5 1.58 7.83 -5.15
C LYS A 5 2.82 6.84 -5.03
N HIS A 6 3.43 6.86 -3.83
CA HIS A 6 4.56 6.04 -3.36
C HIS A 6 4.12 5.49 -1.97
N MET A 7 3.62 6.35 -1.05
CA MET A 7 3.10 5.94 0.27
C MET A 7 1.73 5.27 -0.03
N PHE A 8 0.81 5.93 -0.78
CA PHE A 8 -0.49 5.34 -1.19
C PHE A 8 -0.31 4.07 -2.07
N ASP A 9 0.75 4.02 -2.93
CA ASP A 9 1.06 2.83 -3.77
C ASP A 9 1.43 1.63 -2.85
N ARG A 10 2.35 1.88 -1.87
CA ARG A 10 2.77 0.88 -0.86
C ARG A 10 1.58 0.48 0.04
N ILE A 11 0.95 1.45 0.73
CA ILE A 11 -0.27 1.23 1.59
C ILE A 11 -1.37 0.36 0.89
N GLY A 12 -1.62 0.67 -0.40
CA GLY A 12 -2.57 -0.07 -1.26
C GLY A 12 -2.30 -1.58 -1.44
N LYS A 13 -1.03 -2.01 -1.31
CA LYS A 13 -0.59 -3.42 -1.39
C LYS A 13 0.50 -3.74 -0.28
N ASP A 14 0.24 -3.29 0.96
CA ASP A 14 1.07 -3.51 2.17
C ASP A 14 0.03 -3.89 3.20
N VAL A 15 -0.89 -2.96 3.58
CA VAL A 15 -1.97 -3.31 4.52
C VAL A 15 -3.33 -3.50 3.76
N TYR A 16 -3.10 -4.33 2.75
CA TYR A 16 -3.99 -4.89 1.75
C TYR A 16 -3.32 -6.29 1.48
N ASP A 17 -1.98 -6.37 1.25
CA ASP A 17 -1.29 -7.67 1.07
C ASP A 17 -1.23 -8.40 2.45
N LYS A 18 -0.88 -7.69 3.56
CA LYS A 18 -0.89 -8.28 4.92
C LYS A 18 -2.38 -8.54 5.42
N VAL A 19 -3.38 -7.85 4.80
CA VAL A 19 -4.84 -7.99 5.08
C VAL A 19 -5.40 -9.26 4.39
N LYS A 20 -5.21 -9.40 3.07
CA LYS A 20 -5.65 -10.60 2.31
C LYS A 20 -4.95 -11.94 2.77
N GLU A 21 -3.83 -11.86 3.53
CA GLU A 21 -3.10 -13.00 4.08
C GLU A 21 -3.69 -13.49 5.42
N GLU A 2 4.65 10.69 -7.28
CA GLU A 2 5.40 11.30 -6.14
C GLU A 2 5.07 10.61 -4.77
N SER A 3 5.23 11.36 -3.66
CA SER A 3 4.96 10.88 -2.27
C SER A 3 3.55 10.30 -2.05
N ALA A 4 2.54 11.02 -2.55
CA ALA A 4 1.12 10.57 -2.48
C ALA A 4 0.63 9.50 -3.52
N LYS A 5 1.63 8.91 -4.16
CA LYS A 5 1.57 7.81 -5.15
C LYS A 5 2.81 6.83 -5.02
N HIS A 6 3.42 6.84 -3.83
CA HIS A 6 4.55 6.02 -3.36
C HIS A 6 4.11 5.48 -1.98
N MET A 7 3.61 6.33 -1.05
CA MET A 7 3.08 5.93 0.28
C MET A 7 1.72 5.27 -0.03
N PHE A 8 0.81 5.92 -0.78
CA PHE A 8 -0.50 5.33 -1.19
C PHE A 8 -0.33 4.06 -2.07
N ASP A 9 0.74 4.02 -2.92
CA ASP A 9 1.05 2.82 -3.77
C ASP A 9 1.42 1.61 -2.84
N ARG A 10 2.34 1.86 -1.87
CA ARG A 10 2.75 0.86 -0.86
C ARG A 10 1.56 0.48 0.04
N ILE A 11 0.93 1.44 0.73
CA ILE A 11 -0.28 1.22 1.58
C ILE A 11 -1.38 0.36 0.88
N GLY A 12 -1.63 0.67 -0.42
CA GLY A 12 -2.58 -0.07 -1.27
C GLY A 12 -2.31 -1.59 -1.46
N LYS A 13 -1.04 -2.02 -1.30
CA LYS A 13 -0.61 -3.43 -1.35
C LYS A 13 0.51 -3.73 -0.29
N ASP A 14 0.24 -3.31 0.96
CA ASP A 14 1.07 -3.51 2.17
C ASP A 14 0.04 -3.88 3.22
N VAL A 15 -0.88 -2.94 3.57
CA VAL A 15 -1.97 -3.27 4.53
C VAL A 15 -3.34 -3.47 3.75
N TYR A 16 -3.09 -4.31 2.77
CA TYR A 16 -3.98 -4.89 1.76
C TYR A 16 -3.29 -6.28 1.51
N ASP A 17 -1.95 -6.37 1.30
CA ASP A 17 -1.24 -7.66 1.14
C ASP A 17 -1.20 -8.38 2.53
N LYS A 18 -0.87 -7.67 3.64
CA LYS A 18 -0.90 -8.26 5.00
C LYS A 18 -2.39 -8.52 5.48
N VAL A 19 -3.39 -7.84 4.84
CA VAL A 19 -4.84 -7.98 5.11
C VAL A 19 -5.41 -9.24 4.40
N LYS A 20 -5.21 -9.37 3.07
CA LYS A 20 -5.65 -10.55 2.29
C LYS A 20 -4.94 -11.89 2.70
N GLU A 21 -3.84 -11.83 3.49
CA GLU A 21 -3.09 -12.99 3.99
C GLU A 21 -3.67 -13.52 5.32
#